data_5L4R
#
_entry.id   5L4R
#
_cell.length_a   57.837
_cell.length_b   57.837
_cell.length_c   150.159
_cell.angle_alpha   90.00
_cell.angle_beta   90.00
_cell.angle_gamma   90.00
#
_symmetry.space_group_name_H-M   'P 41 21 2'
#
loop_
_entity.id
_entity.type
_entity.pdbx_description
1 polymer Thaumatin-1
2 non-polymer 'L(+)-TARTARIC ACID'
3 non-polymer bis(azanyl)-chloranyl-oxidanyl-platinum
4 non-polymer Cisplatin
5 non-polymer GLYCEROL
6 water water
#
_entity_poly.entity_id   1
_entity_poly.type   'polypeptide(L)'
_entity_poly.pdbx_seq_one_letter_code
;ATFEIVNRCSYTVWAAASKGDAALDAGGRQLNSGESWTINVEPGTNGGKIWARTDCYFDDSGSGICKTGDCGGLLRCKRF
GRPPTTLAEFSLNQYGKDYIDISNIKGFNVPMNFSPTTRGCRGVRCAADIVGQCPAKLKAPGGGCNDACTVFQTSEYCCT
TGKCGPTEYSRFFKRLCPDAFSYVLDKPTTVTCPGSSNYRVTFCPTA
;
_entity_poly.pdbx_strand_id   A
#
# COMPACT_ATOMS: atom_id res chain seq x y z
N ALA A 1 4.45 14.59 9.37
CA ALA A 1 5.33 14.31 8.15
C ALA A 1 4.61 14.97 7.01
N THR A 2 5.45 15.38 6.04
CA THR A 2 4.90 15.74 4.67
C THR A 2 5.18 14.49 3.80
N PHE A 3 4.13 14.14 3.03
CA PHE A 3 4.28 13.08 2.00
C PHE A 3 4.00 13.70 0.66
N GLU A 4 4.92 13.47 -0.31
CA GLU A 4 4.56 13.85 -1.68
C GLU A 4 4.15 12.48 -2.36
N ILE A 5 2.97 12.41 -2.98
CA ILE A 5 2.52 11.14 -3.62
C ILE A 5 2.53 11.48 -5.10
N VAL A 6 3.32 10.66 -5.84
CA VAL A 6 3.60 10.99 -7.27
C VAL A 6 3.14 9.78 -8.08
N ASN A 7 2.35 10.04 -9.13
CA ASN A 7 1.92 8.94 -10.03
C ASN A 7 2.83 8.95 -11.28
N ARG A 8 3.81 8.01 -11.32
CA ARG A 8 4.65 7.95 -12.55
C ARG A 8 4.05 6.84 -13.49
N CYS A 9 2.86 6.27 -13.14
CA CYS A 9 2.25 5.32 -14.04
C CYS A 9 1.70 6.03 -15.29
N SER A 10 1.54 5.20 -16.40
CA SER A 10 0.94 5.81 -17.61
C SER A 10 -0.56 5.94 -17.47
N TYR A 11 -1.15 5.37 -16.47
CA TYR A 11 -2.61 5.43 -16.20
C TYR A 11 -2.88 6.26 -14.97
N THR A 12 -4.11 6.83 -14.98
CA THR A 12 -4.55 7.56 -13.81
C THR A 12 -4.71 6.60 -12.61
N VAL A 13 -4.34 7.12 -11.44
CA VAL A 13 -4.65 6.39 -10.19
C VAL A 13 -5.38 7.38 -9.26
N TRP A 14 -6.09 6.84 -8.27
CA TRP A 14 -6.70 7.67 -7.22
C TRP A 14 -6.00 7.25 -5.94
N ALA A 15 -5.09 8.16 -5.54
CA ALA A 15 -4.36 7.84 -4.33
C ALA A 15 -5.29 7.91 -3.10
N ALA A 16 -4.86 7.20 -2.07
CA ALA A 16 -5.67 7.14 -0.84
C ALA A 16 -4.72 7.17 0.36
N ALA A 17 -5.18 7.74 1.48
CA ALA A 17 -4.28 7.80 2.62
C ALA A 17 -5.23 7.74 3.86
N SER A 18 -5.02 6.76 4.70
CA SER A 18 -5.92 6.56 5.85
C SER A 18 -5.17 5.84 6.98
N LYS A 19 -5.71 5.96 8.21
CA LYS A 19 -5.18 5.16 9.31
C LYS A 19 -6.28 4.21 9.79
N GLY A 20 -7.26 3.92 8.94
CA GLY A 20 -8.12 2.74 9.18
C GLY A 20 -9.44 3.23 9.75
N ASP A 21 -9.37 4.21 10.65
CA ASP A 21 -10.64 4.81 11.23
C ASP A 21 -10.77 6.25 10.90
N ALA A 22 -9.89 6.79 10.05
CA ALA A 22 -9.94 8.21 9.66
C ALA A 22 -9.10 8.40 8.45
N ALA A 23 -9.43 9.48 7.73
CA ALA A 23 -8.59 9.94 6.60
C ALA A 23 -7.30 10.55 7.18
N LEU A 24 -6.24 10.45 6.35
CA LEU A 24 -5.04 11.27 6.53
C LEU A 24 -5.16 12.41 5.51
N ASP A 25 -5.04 13.65 6.03
CA ASP A 25 -5.26 14.83 5.13
C ASP A 25 -6.63 14.63 4.47
N ALA A 26 -6.79 14.89 3.16
CA ALA A 26 -8.10 14.77 2.55
C ALA A 26 -8.51 13.30 2.32
N GLY A 27 -7.57 12.36 2.47
CA GLY A 27 -7.93 10.94 2.42
C GLY A 27 -7.82 10.36 0.98
N GLY A 28 -8.04 11.14 -0.11
CA GLY A 28 -7.90 10.55 -1.45
C GLY A 28 -7.95 11.68 -2.41
N ARG A 29 -7.42 11.42 -3.64
CA ARG A 29 -7.45 12.37 -4.72
C ARG A 29 -7.05 11.69 -6.00
N GLN A 30 -7.59 12.18 -7.12
CA GLN A 30 -7.17 11.70 -8.41
C GLN A 30 -5.78 12.21 -8.81
N LEU A 31 -4.94 11.29 -9.31
CA LEU A 31 -3.62 11.69 -9.84
C LEU A 31 -3.54 11.14 -11.27
N ASN A 32 -3.63 12.07 -12.21
CA ASN A 32 -3.34 11.74 -13.59
C ASN A 32 -1.86 11.35 -13.75
N SER A 33 -1.51 10.70 -14.90
CA SER A 33 -0.10 10.34 -15.07
C SER A 33 0.80 11.61 -14.96
N GLY A 34 1.80 11.48 -14.06
CA GLY A 34 2.73 12.56 -13.88
C GLY A 34 2.41 13.43 -12.68
N GLU A 35 1.13 13.45 -12.22
CA GLU A 35 0.79 14.41 -11.16
C GLU A 35 1.37 14.05 -9.79
N SER A 36 1.52 15.10 -8.98
CA SER A 36 2.02 14.96 -7.61
C SER A 36 1.01 15.65 -6.65
N TRP A 37 0.79 14.99 -5.53
CA TRP A 37 -0.16 15.50 -4.48
C TRP A 37 0.60 15.47 -3.17
N THR A 38 0.68 16.64 -2.55
CA THR A 38 1.42 16.78 -1.26
C THR A 38 0.38 16.77 -0.14
N ILE A 39 0.60 15.88 0.85
CA ILE A 39 -0.30 15.84 2.01
C ILE A 39 0.50 16.01 3.29
N ASN A 40 -0.26 16.46 4.34
CA ASN A 40 0.31 16.58 5.66
C ASN A 40 -0.30 15.52 6.54
N VAL A 41 0.58 14.64 7.08
CA VAL A 41 0.17 13.59 7.96
C VAL A 41 0.51 14.02 9.40
N GLU A 42 -0.45 13.87 10.34
CA GLU A 42 -0.15 14.41 11.66
C GLU A 42 0.99 13.62 12.29
N PRO A 43 1.89 14.30 12.99
CA PRO A 43 2.90 13.55 13.73
C PRO A 43 2.20 12.58 14.70
N GLY A 44 2.96 11.50 14.94
CA GLY A 44 2.51 10.43 15.83
C GLY A 44 1.44 9.47 15.21
N THR A 45 1.09 9.65 13.90
CA THR A 45 0.15 8.73 13.26
C THR A 45 0.74 7.32 13.31
N ASN A 46 -0.08 6.40 13.85
CA ASN A 46 0.37 5.01 14.03
C ASN A 46 -0.52 4.17 13.08
N GLY A 47 0.14 3.30 12.25
CA GLY A 47 -0.73 2.42 11.39
C GLY A 47 -1.34 3.16 10.22
N GLY A 48 -0.62 4.18 9.69
CA GLY A 48 -1.09 4.85 8.47
C GLY A 48 -0.73 4.01 7.21
N LYS A 49 -1.59 4.20 6.20
CA LYS A 49 -1.29 3.51 4.93
C LYS A 49 -1.60 4.40 3.78
N ILE A 50 -0.78 4.32 2.71
CA ILE A 50 -1.11 4.99 1.43
C ILE A 50 -1.11 3.92 0.34
N TRP A 51 -2.07 4.05 -0.55
CA TRP A 51 -2.14 3.07 -1.66
C TRP A 51 -2.78 3.77 -2.83
N ALA A 52 -2.65 3.09 -4.00
CA ALA A 52 -3.31 3.54 -5.24
C ALA A 52 -4.62 2.74 -5.44
N ARG A 53 -5.56 3.46 -6.08
CA ARG A 53 -6.76 2.78 -6.56
C ARG A 53 -6.85 2.92 -8.08
N THR A 54 -7.33 1.87 -8.75
CA THR A 54 -7.47 1.98 -10.19
C THR A 54 -8.89 1.83 -10.71
N ASP A 55 -9.09 2.44 -11.90
CA ASP A 55 -10.37 2.31 -12.64
C ASP A 55 -11.51 2.72 -11.74
N CYS A 56 -11.46 3.99 -11.32
CA CYS A 56 -12.49 4.52 -10.40
C CYS A 56 -13.45 5.45 -11.22
N TYR A 57 -14.69 5.53 -10.67
CA TYR A 57 -15.68 6.48 -11.16
C TYR A 57 -16.31 7.10 -9.90
N PHE A 58 -16.31 8.44 -9.84
CA PHE A 58 -16.95 9.12 -8.75
C PHE A 58 -17.90 10.13 -9.28
N ASP A 59 -18.99 10.31 -8.52
CA ASP A 59 -19.97 11.41 -8.88
C ASP A 59 -19.51 12.72 -8.33
N ASP A 60 -20.36 13.77 -8.53
CA ASP A 60 -19.95 15.07 -8.09
C ASP A 60 -19.82 15.19 -6.56
N SER A 61 -20.47 14.30 -5.76
CA SER A 61 -20.41 14.27 -4.27
C SER A 61 -19.23 13.39 -3.76
N GLY A 62 -18.44 12.78 -4.66
CA GLY A 62 -17.22 12.05 -4.23
C GLY A 62 -17.56 10.62 -3.89
N SER A 63 -18.69 10.13 -4.44
CA SER A 63 -19.13 8.76 -4.13
C SER A 63 -19.07 7.93 -5.39
N GLY A 64 -18.64 6.62 -5.32
CA GLY A 64 -18.56 5.88 -6.57
C GLY A 64 -17.96 4.51 -6.31
N ILE A 65 -17.04 4.09 -7.20
CA ILE A 65 -16.44 2.77 -7.06
C ILE A 65 -15.06 2.76 -7.78
N CYS A 66 -14.17 1.89 -7.24
CA CYS A 66 -12.90 1.63 -7.95
C CYS A 66 -12.79 0.13 -8.08
N LYS A 67 -12.09 -0.28 -9.13
CA LYS A 67 -11.85 -1.77 -9.29
C LYS A 67 -10.83 -2.33 -8.37
N THR A 68 -9.82 -1.48 -7.98
CA THR A 68 -8.91 -1.99 -6.98
C THR A 68 -8.86 -0.86 -5.89
N GLY A 69 -8.76 -1.34 -4.65
CA GLY A 69 -8.50 -0.46 -3.55
C GLY A 69 -9.65 0.45 -3.06
N ASP A 70 -10.88 0.09 -3.50
CA ASP A 70 -12.07 0.91 -3.16
C ASP A 70 -12.19 1.01 -1.64
N CYS A 71 -12.47 2.21 -1.13
CA CYS A 71 -12.56 2.38 0.37
C CYS A 71 -14.02 2.82 0.71
N GLY A 72 -14.96 1.84 0.60
CA GLY A 72 -16.44 2.15 0.88
C GLY A 72 -16.96 3.12 -0.13
N GLY A 73 -16.46 3.06 -1.36
CA GLY A 73 -16.99 3.87 -2.43
C GLY A 73 -16.68 5.41 -2.24
N LEU A 74 -15.76 5.87 -1.37
CA LEU A 74 -15.55 7.28 -1.24
C LEU A 74 -14.30 7.70 -2.04
N LEU A 75 -14.33 8.85 -2.68
CA LEU A 75 -13.10 9.43 -3.26
C LEU A 75 -12.13 9.74 -2.14
N ARG A 76 -12.65 10.34 -1.05
CA ARG A 76 -11.83 10.70 0.12
CA ARG A 76 -11.83 10.70 0.12
CA ARG A 76 -11.84 10.62 0.06
C ARG A 76 -11.92 9.59 1.19
N CYS A 77 -10.89 8.75 1.20
CA CYS A 77 -10.96 7.58 2.05
C CYS A 77 -10.89 7.86 3.49
N LYS A 78 -11.80 7.24 4.27
CA LYS A 78 -11.68 7.23 5.68
C LYS A 78 -11.28 5.89 6.22
N ARG A 79 -11.42 4.82 5.46
CA ARG A 79 -11.15 3.45 5.95
C ARG A 79 -10.10 2.91 4.90
N PHE A 80 -9.59 1.71 5.21
CA PHE A 80 -8.63 1.08 4.28
C PHE A 80 -9.41 0.50 3.07
N GLY A 81 -8.62 0.23 1.99
CA GLY A 81 -9.19 -0.14 0.72
C GLY A 81 -9.33 -1.66 0.52
N ARG A 82 -10.20 -2.00 -0.40
CA ARG A 82 -10.52 -3.41 -0.72
C ARG A 82 -9.23 -3.99 -1.44
N PRO A 83 -8.78 -5.17 -1.05
CA PRO A 83 -7.65 -5.76 -1.72
C PRO A 83 -8.09 -6.11 -3.17
N PRO A 84 -7.15 -6.20 -4.10
CA PRO A 84 -5.71 -6.17 -3.84
C PRO A 84 -5.17 -4.74 -3.85
N THR A 85 -4.29 -4.49 -2.89
CA THR A 85 -3.73 -3.13 -2.80
C THR A 85 -2.26 -3.22 -2.36
N THR A 86 -1.27 -2.81 -3.17
CA THR A 86 0.07 -2.66 -2.60
C THR A 86 0.05 -1.54 -1.56
N LEU A 87 0.68 -1.79 -0.42
CA LEU A 87 0.54 -0.80 0.74
C LEU A 87 1.85 -0.21 1.10
N ALA A 88 1.85 1.15 1.13
CA ALA A 88 2.94 1.88 1.84
C ALA A 88 2.49 2.11 3.27
N GLU A 89 3.20 1.55 4.26
CA GLU A 89 2.72 1.56 5.61
C GLU A 89 3.69 2.30 6.50
N PHE A 90 3.15 3.04 7.51
CA PHE A 90 4.07 3.84 8.33
C PHE A 90 3.46 4.08 9.68
N SER A 91 4.37 4.25 10.61
CA SER A 91 3.99 4.75 11.97
C SER A 91 5.07 5.77 12.34
N LEU A 92 4.59 6.96 12.73
CA LEU A 92 5.50 8.10 12.79
C LEU A 92 5.66 8.55 14.24
N ASN A 93 6.86 9.00 14.57
CA ASN A 93 7.09 9.57 15.94
C ASN A 93 6.77 8.57 17.04
N GLN A 94 7.30 7.36 16.87
CA GLN A 94 7.11 6.33 17.84
C GLN A 94 8.35 6.21 18.65
N TYR A 95 8.33 6.81 19.88
CA TYR A 95 9.58 6.87 20.68
C TYR A 95 10.77 7.40 19.98
N GLY A 96 10.50 8.48 19.19
CA GLY A 96 11.63 9.26 18.57
C GLY A 96 11.96 8.81 17.15
N LYS A 97 11.21 7.71 16.66
CA LYS A 97 11.68 7.19 15.29
C LYS A 97 10.40 7.00 14.45
N ASP A 98 10.63 6.98 13.15
CA ASP A 98 9.50 6.58 12.25
C ASP A 98 9.91 5.18 11.69
N TYR A 99 8.84 4.45 11.33
CA TYR A 99 9.00 3.10 10.80
C TYR A 99 8.15 3.00 9.54
N ILE A 100 8.81 2.51 8.44
CA ILE A 100 8.11 2.47 7.13
C ILE A 100 8.32 1.08 6.55
N ASP A 101 7.33 0.68 5.72
CA ASP A 101 7.57 -0.58 4.94
C ASP A 101 6.59 -0.56 3.76
N ILE A 102 6.83 -1.54 2.86
CA ILE A 102 5.82 -1.88 1.88
C ILE A 102 5.36 -3.32 2.15
N SER A 103 4.03 -3.50 1.96
CA SER A 103 3.44 -4.83 2.24
C SER A 103 2.61 -5.28 1.06
N ASN A 104 2.72 -6.59 0.75
CA ASN A 104 1.82 -7.29 -0.18
C ASN A 104 0.94 -8.22 0.60
N ILE A 105 0.77 -8.02 1.92
CA ILE A 105 -0.13 -8.97 2.67
C ILE A 105 -1.61 -8.82 2.26
N LYS A 106 -1.97 -7.64 1.68
CA LYS A 106 -3.32 -7.44 1.16
C LYS A 106 -3.26 -7.35 -0.38
N GLY A 107 -2.30 -8.14 -0.94
CA GLY A 107 -2.18 -8.23 -2.41
C GLY A 107 -1.46 -7.05 -3.00
N PHE A 108 -1.43 -7.05 -4.34
CA PHE A 108 -0.70 -6.07 -5.06
C PHE A 108 -1.53 -5.57 -6.28
N ASN A 109 -1.57 -4.28 -6.51
CA ASN A 109 -2.23 -3.73 -7.68
C ASN A 109 -1.32 -2.89 -8.51
N VAL A 110 -0.55 -2.01 -7.88
CA VAL A 110 0.31 -1.02 -8.56
C VAL A 110 1.67 -1.02 -7.94
N PRO A 111 2.73 -1.03 -8.76
CA PRO A 111 4.08 -1.01 -8.21
C PRO A 111 4.39 0.35 -7.50
N MET A 112 5.26 0.25 -6.52
CA MET A 112 5.48 1.45 -5.66
C MET A 112 6.89 1.49 -5.12
N ASN A 113 7.36 2.77 -5.01
CA ASN A 113 8.59 3.06 -4.19
C ASN A 113 8.12 3.96 -3.01
N PHE A 114 8.71 3.69 -1.86
CA PHE A 114 8.34 4.55 -0.67
C PHE A 114 9.69 4.92 -0.01
N SER A 115 10.02 6.16 -0.17
CA SER A 115 11.40 6.59 0.21
C SER A 115 11.29 7.90 1.04
N PRO A 116 12.27 8.02 1.95
CA PRO A 116 12.35 9.40 2.62
C PRO A 116 12.84 10.45 1.66
N THR A 117 12.38 11.68 1.94
CA THR A 117 12.96 12.83 1.17
C THR A 117 13.89 13.66 2.08
N THR A 118 14.12 13.14 3.30
CA THR A 118 15.07 13.79 4.27
C THR A 118 16.08 12.74 4.66
N ARG A 119 17.11 13.11 5.44
CA ARG A 119 18.24 12.20 5.60
C ARG A 119 18.05 11.07 6.59
N GLY A 120 18.93 10.07 6.51
CA GLY A 120 18.98 9.20 7.65
C GLY A 120 18.51 7.78 7.50
N CYS A 121 17.96 7.40 6.35
CA CYS A 121 17.52 5.98 6.20
C CYS A 121 17.36 5.78 4.69
N ARG A 122 17.03 4.57 4.33
CA ARG A 122 16.88 4.23 2.89
C ARG A 122 15.36 4.03 2.67
N GLY A 123 15.02 3.99 1.40
CA GLY A 123 13.64 3.66 0.98
C GLY A 123 13.43 2.13 0.72
N VAL A 124 12.20 1.82 0.40
CA VAL A 124 11.88 0.41 0.04
CA VAL A 124 11.83 0.40 0.06
C VAL A 124 11.05 0.51 -1.22
N ARG A 125 11.01 -0.58 -1.96
CA ARG A 125 10.38 -0.61 -3.26
C ARG A 125 9.88 -1.99 -3.60
N CYS A 126 8.67 -2.04 -4.20
CA CYS A 126 8.20 -3.26 -4.82
C CYS A 126 7.67 -2.85 -6.22
N ALA A 127 8.54 -3.10 -7.23
CA ALA A 127 8.19 -2.58 -8.57
C ALA A 127 8.22 -3.66 -9.63
N ALA A 128 8.28 -4.90 -9.22
CA ALA A 128 8.26 -6.00 -10.18
C ALA A 128 6.84 -6.15 -10.75
N ASP A 129 6.74 -6.92 -11.83
CA ASP A 129 5.43 -7.04 -12.52
C ASP A 129 4.67 -8.15 -11.87
N ILE A 130 4.18 -7.92 -10.61
CA ILE A 130 3.50 -8.94 -9.86
C ILE A 130 2.12 -9.25 -10.56
N VAL A 131 1.42 -8.21 -11.13
CA VAL A 131 0.15 -8.57 -11.75
C VAL A 131 0.37 -9.47 -12.99
N GLY A 132 1.39 -9.16 -13.79
CA GLY A 132 1.60 -9.97 -14.98
C GLY A 132 1.97 -11.43 -14.62
N GLN A 133 2.81 -11.56 -13.55
CA GLN A 133 3.33 -12.90 -13.20
C GLN A 133 2.41 -13.64 -12.19
N CYS A 134 1.32 -13.00 -11.75
CA CYS A 134 0.47 -13.52 -10.60
C CYS A 134 0.03 -14.96 -10.91
N PRO A 135 0.18 -15.83 -9.90
CA PRO A 135 -0.37 -17.23 -9.99
C PRO A 135 -1.82 -17.15 -10.41
N ALA A 136 -2.21 -18.11 -11.30
CA ALA A 136 -3.63 -18.06 -11.79
C ALA A 136 -4.66 -17.92 -10.68
N LYS A 137 -4.48 -18.72 -9.59
CA LYS A 137 -5.55 -18.77 -8.59
C LYS A 137 -5.63 -17.47 -7.73
N LEU A 138 -4.58 -16.66 -7.82
CA LEU A 138 -4.62 -15.33 -7.10
C LEU A 138 -5.07 -14.20 -7.98
N LYS A 139 -5.19 -14.37 -9.28
CA LYS A 139 -5.50 -13.24 -10.16
C LYS A 139 -6.86 -12.65 -9.78
N ALA A 140 -6.92 -11.34 -9.65
CA ALA A 140 -8.22 -10.68 -9.33
C ALA A 140 -8.80 -10.25 -10.68
N PRO A 141 -10.10 -10.68 -10.99
CA PRO A 141 -10.63 -10.36 -12.31
C PRO A 141 -10.82 -8.92 -12.41
N GLY A 142 -11.19 -8.31 -11.24
CA GLY A 142 -11.28 -6.86 -11.27
C GLY A 142 -9.94 -6.14 -11.54
N GLY A 143 -8.82 -6.86 -11.56
CA GLY A 143 -7.49 -6.19 -11.79
C GLY A 143 -6.62 -6.49 -10.50
N GLY A 144 -5.35 -6.78 -10.70
CA GLY A 144 -4.43 -6.99 -9.53
C GLY A 144 -4.21 -8.47 -9.18
N CYS A 145 -3.42 -8.70 -8.16
CA CYS A 145 -3.04 -10.05 -7.72
C CYS A 145 -3.35 -10.14 -6.25
N ASN A 146 -4.36 -10.91 -5.93
CA ASN A 146 -4.78 -11.01 -4.53
C ASN A 146 -3.76 -11.79 -3.68
N ASP A 147 -3.76 -11.44 -2.39
CA ASP A 147 -3.07 -12.32 -1.40
C ASP A 147 -3.92 -13.58 -1.18
N ALA A 148 -3.23 -14.59 -0.65
CA ALA A 148 -3.89 -15.89 -0.38
C ALA A 148 -4.91 -15.83 0.72
N CYS A 149 -4.72 -14.96 1.73
CA CYS A 149 -5.73 -14.86 2.79
C CYS A 149 -7.09 -14.39 2.19
N THR A 150 -7.03 -13.31 1.38
CA THR A 150 -8.24 -12.81 0.71
C THR A 150 -8.91 -13.92 -0.09
N VAL A 151 -8.12 -14.70 -0.84
CA VAL A 151 -8.79 -15.71 -1.73
C VAL A 151 -9.32 -16.86 -0.93
N PHE A 152 -8.51 -17.42 0.00
CA PHE A 152 -8.91 -18.74 0.57
C PHE A 152 -9.40 -18.73 2.00
N GLN A 153 -9.12 -17.62 2.75
CA GLN A 153 -9.74 -17.41 4.08
C GLN A 153 -9.41 -18.57 5.01
N THR A 154 -8.13 -19.00 5.06
CA THR A 154 -7.70 -20.02 6.02
C THR A 154 -6.86 -19.42 7.14
N SER A 155 -6.81 -20.16 8.26
CA SER A 155 -5.98 -19.71 9.36
C SER A 155 -4.52 -19.64 8.93
N GLU A 156 -4.08 -20.53 8.05
CA GLU A 156 -2.66 -20.48 7.69
C GLU A 156 -2.32 -19.28 6.82
N TYR A 157 -3.18 -18.90 5.86
CA TYR A 157 -2.80 -17.72 5.07
C TYR A 157 -3.04 -16.38 5.80
N CYS A 158 -4.08 -16.44 6.65
CA CYS A 158 -4.44 -15.17 7.31
C CYS A 158 -3.74 -15.02 8.69
N CYS A 159 -3.00 -16.06 9.10
CA CYS A 159 -2.17 -16.09 10.35
CA CYS A 159 -2.17 -16.07 10.35
C CYS A 159 -3.05 -15.67 11.53
N THR A 160 -4.27 -16.19 11.52
CA THR A 160 -5.27 -15.81 12.51
C THR A 160 -4.88 -16.09 13.91
N THR A 161 -4.20 -17.21 14.13
CA THR A 161 -3.78 -17.59 15.51
C THR A 161 -2.41 -17.04 15.87
N GLY A 162 -1.75 -16.38 14.94
CA GLY A 162 -0.30 -15.96 15.10
C GLY A 162 0.66 -17.13 14.93
N LYS A 163 0.21 -18.30 14.49
N LYS A 163 0.09 -18.29 14.53
CA LYS A 163 1.22 -19.38 14.22
CA LYS A 163 0.89 -19.43 14.11
C LYS A 163 1.99 -19.39 12.80
C LYS A 163 0.47 -19.58 12.66
N CYS A 164 1.33 -19.65 11.82
CA CYS A 164 1.60 -19.64 10.41
C CYS A 164 3.03 -19.58 9.91
N GLY A 165 3.21 -20.13 8.73
CA GLY A 165 4.56 -20.14 8.09
C GLY A 165 4.37 -19.48 6.72
N PRO A 166 5.48 -19.37 5.95
CA PRO A 166 5.43 -19.01 4.56
C PRO A 166 4.70 -20.13 3.77
N THR A 167 4.23 -19.69 2.59
CA THR A 167 3.41 -20.62 1.79
C THR A 167 3.84 -20.52 0.31
N GLU A 168 3.34 -21.42 -0.53
CA GLU A 168 3.73 -21.31 -1.92
C GLU A 168 3.27 -19.94 -2.45
N TYR A 169 2.10 -19.43 -2.00
CA TYR A 169 1.64 -18.12 -2.46
C TYR A 169 2.53 -17.01 -1.83
N SER A 170 2.78 -17.03 -0.51
CA SER A 170 3.59 -15.85 0.07
C SER A 170 4.96 -15.84 -0.67
N ARG A 171 5.47 -17.05 -0.96
CA ARG A 171 6.82 -17.09 -1.58
C ARG A 171 6.83 -16.46 -2.99
N PHE A 172 5.72 -16.52 -3.74
CA PHE A 172 5.67 -15.78 -5.01
C PHE A 172 5.85 -14.27 -4.78
N PHE A 173 5.08 -13.71 -3.81
CA PHE A 173 5.23 -12.25 -3.65
C PHE A 173 6.66 -11.98 -3.15
N LYS A 174 7.20 -12.82 -2.29
CA LYS A 174 8.57 -12.57 -1.76
C LYS A 174 9.64 -12.70 -2.84
N ARG A 175 9.44 -13.65 -3.78
CA ARG A 175 10.47 -13.78 -4.88
C ARG A 175 10.42 -12.45 -5.76
N LEU A 176 9.22 -12.00 -6.10
CA LEU A 176 9.13 -10.79 -7.00
C LEU A 176 9.55 -9.54 -6.26
N CYS A 177 9.22 -9.50 -4.95
CA CYS A 177 9.56 -8.28 -4.12
C CYS A 177 10.10 -8.68 -2.78
N PRO A 178 11.42 -8.91 -2.69
CA PRO A 178 12.02 -9.35 -1.44
C PRO A 178 11.85 -8.28 -0.34
N ASP A 179 11.71 -7.01 -0.72
CA ASP A 179 11.80 -5.93 0.36
CA ASP A 179 11.79 -5.92 0.30
C ASP A 179 10.42 -5.53 0.77
N ALA A 180 9.42 -6.35 0.50
CA ALA A 180 8.02 -6.11 0.98
C ALA A 180 7.55 -7.30 1.80
N PHE A 181 6.66 -7.05 2.77
CA PHE A 181 6.09 -8.15 3.55
C PHE A 181 5.22 -9.03 2.63
N SER A 182 5.44 -10.33 2.72
CA SER A 182 4.65 -11.26 1.90
C SER A 182 3.58 -12.06 2.65
N TYR A 183 3.67 -12.08 3.99
CA TYR A 183 2.70 -12.71 4.84
C TYR A 183 2.88 -12.14 6.24
N VAL A 184 1.94 -12.42 7.16
CA VAL A 184 1.92 -11.57 8.41
C VAL A 184 3.16 -11.80 9.20
N LEU A 185 3.72 -13.01 9.23
CA LEU A 185 4.95 -13.30 10.05
C LEU A 185 6.21 -13.32 9.27
N ASP A 186 6.18 -12.61 8.10
CA ASP A 186 7.42 -12.57 7.32
C ASP A 186 8.56 -11.91 8.16
N LYS A 187 9.83 -12.30 7.83
CA LYS A 187 10.94 -11.60 8.43
C LYS A 187 10.76 -10.08 8.06
N PRO A 188 10.80 -9.20 9.07
CA PRO A 188 10.45 -7.79 8.75
C PRO A 188 11.40 -7.09 7.81
N THR A 189 10.77 -6.26 6.94
CA THR A 189 11.51 -5.43 6.05
C THR A 189 11.22 -3.94 6.34
N THR A 190 10.90 -3.70 7.60
CA THR A 190 10.63 -2.32 8.06
C THR A 190 11.89 -1.53 8.17
N VAL A 191 11.87 -0.30 7.72
CA VAL A 191 13.10 0.54 7.84
C VAL A 191 12.79 1.57 8.98
N THR A 192 13.86 1.78 9.80
CA THR A 192 13.75 2.81 10.84
C THR A 192 14.34 4.10 10.28
N CYS A 193 13.50 5.15 10.36
CA CYS A 193 13.95 6.47 9.88
C CYS A 193 13.91 7.43 11.12
N PRO A 194 14.65 8.57 11.00
CA PRO A 194 14.62 9.55 12.12
C PRO A 194 13.15 9.94 12.36
N GLY A 195 12.77 10.22 13.57
CA GLY A 195 11.39 10.80 13.87
C GLY A 195 11.21 12.10 13.04
N SER A 196 9.95 12.28 12.56
CA SER A 196 9.61 13.47 11.74
C SER A 196 10.42 13.54 10.44
N SER A 197 10.70 12.39 9.82
CA SER A 197 11.16 12.46 8.40
C SER A 197 9.99 12.80 7.48
N ASN A 198 10.36 13.18 6.24
CA ASN A 198 9.34 13.35 5.23
C ASN A 198 9.59 12.30 4.14
N TYR A 199 8.53 12.14 3.32
CA TYR A 199 8.57 10.94 2.39
C TYR A 199 7.97 11.24 1.07
N ARG A 200 8.28 10.38 0.08
CA ARG A 200 7.63 10.42 -1.25
C ARG A 200 7.18 8.96 -1.51
N VAL A 201 5.94 8.83 -1.87
CA VAL A 201 5.42 7.50 -2.38
C VAL A 201 5.25 7.71 -3.89
N THR A 202 6.02 6.92 -4.68
CA THR A 202 5.89 7.05 -6.18
C THR A 202 5.29 5.73 -6.69
N PHE A 203 4.15 5.94 -7.38
CA PHE A 203 3.55 4.78 -8.11
C PHE A 203 4.25 4.59 -9.44
N CYS A 204 4.47 3.31 -9.78
CA CYS A 204 5.19 2.95 -11.04
C CYS A 204 6.58 3.64 -11.12
N PRO A 205 7.43 3.42 -10.13
CA PRO A 205 8.71 4.18 -10.12
C PRO A 205 9.61 3.83 -11.27
N THR A 206 9.51 2.63 -11.86
CA THR A 206 10.41 2.25 -12.97
C THR A 206 9.61 2.06 -14.33
N ALA A 207 10.34 1.98 -15.43
CA ALA A 207 9.93 1.41 -16.79
C ALA A 207 8.56 0.67 -16.96
#